data_257D
# 
_entry.id   257D 
# 
_audit_conform.dict_name       mmcif_pdbx.dic 
_audit_conform.dict_version    5.387 
_audit_conform.dict_location   http://mmcif.pdb.org/dictionaries/ascii/mmcif_pdbx.dic 
# 
loop_
_database_2.database_id 
_database_2.database_code 
_database_2.pdbx_database_accession 
_database_2.pdbx_DOI 
PDB   257D         pdb_0000257d 10.2210/pdb257d/pdb 
RCSB  ADF073       ?            ?                   
WWPDB D_1000177667 ?            ?                   
# 
loop_
_pdbx_audit_revision_history.ordinal 
_pdbx_audit_revision_history.data_content_type 
_pdbx_audit_revision_history.major_revision 
_pdbx_audit_revision_history.minor_revision 
_pdbx_audit_revision_history.revision_date 
1 'Structure model' 1 0 1996-04-15 
2 'Structure model' 1 1 2008-05-22 
3 'Structure model' 1 2 2011-07-13 
4 'Structure model' 1 3 2024-02-14 
# 
_pdbx_audit_revision_details.ordinal             1 
_pdbx_audit_revision_details.revision_ordinal    1 
_pdbx_audit_revision_details.data_content_type   'Structure model' 
_pdbx_audit_revision_details.provider            repository 
_pdbx_audit_revision_details.type                'Initial release' 
_pdbx_audit_revision_details.description         ? 
_pdbx_audit_revision_details.details             ? 
# 
loop_
_pdbx_audit_revision_group.ordinal 
_pdbx_audit_revision_group.revision_ordinal 
_pdbx_audit_revision_group.data_content_type 
_pdbx_audit_revision_group.group 
1 2 'Structure model' 'Version format compliance' 
2 3 'Structure model' 'Version format compliance' 
3 4 'Structure model' 'Data collection'           
4 4 'Structure model' 'Database references'       
# 
loop_
_pdbx_audit_revision_category.ordinal 
_pdbx_audit_revision_category.revision_ordinal 
_pdbx_audit_revision_category.data_content_type 
_pdbx_audit_revision_category.category 
1 4 'Structure model' chem_comp_atom 
2 4 'Structure model' chem_comp_bond 
3 4 'Structure model' database_2     
# 
loop_
_pdbx_audit_revision_item.ordinal 
_pdbx_audit_revision_item.revision_ordinal 
_pdbx_audit_revision_item.data_content_type 
_pdbx_audit_revision_item.item 
1 4 'Structure model' '_database_2.pdbx_DOI'                
2 4 'Structure model' '_database_2.pdbx_database_accession' 
# 
_pdbx_database_status.status_code                     REL 
_pdbx_database_status.entry_id                        257D 
_pdbx_database_status.recvd_initial_deposition_date   1996-03-31 
_pdbx_database_status.deposit_site                    NDB 
_pdbx_database_status.process_site                    NDB 
_pdbx_database_status.status_code_sf                  REL 
_pdbx_database_status.status_code_mr                  ? 
_pdbx_database_status.SG_entry                        ? 
_pdbx_database_status.pdb_format_compatible           Y 
_pdbx_database_status.status_code_cs                  ? 
_pdbx_database_status.status_code_nmr_data            ? 
_pdbx_database_status.methods_development_category    ? 
# 
loop_
_audit_author.name 
_audit_author.pdbx_ordinal 
'Mooers, B.H.'  1 
'Schroth, G.P.' 2 
'Baxter, W.W.'  3 
'Ho, P.S.'      4 
# 
_citation.id                        primary 
_citation.title                     'Alternating and non-alternating dG-dC hexanucleotides crystallize as canonical A-DNA.' 
_citation.journal_abbrev            J.Mol.Biol. 
_citation.journal_volume            249 
_citation.page_first                772 
_citation.page_last                 784 
_citation.year                      1995 
_citation.journal_id_ASTM           JMOBAK 
_citation.country                   UK 
_citation.journal_id_ISSN           0022-2836 
_citation.journal_id_CSD            0070 
_citation.book_publisher            ? 
_citation.pdbx_database_id_PubMed   7602589 
_citation.pdbx_database_id_DOI      10.1006/jmbi.1995.0336 
# 
loop_
_citation_author.citation_id 
_citation_author.name 
_citation_author.ordinal 
_citation_author.identifier_ORCID 
primary 'Mooers, B.H.'  1 ? 
primary 'Schroth, G.P.' 2 ? 
primary 'Baxter, W.W.'  3 ? 
primary 'Ho, P.S.'      4 ? 
# 
loop_
_entity.id 
_entity.type 
_entity.src_method 
_entity.pdbx_description 
_entity.formula_weight 
_entity.pdbx_number_of_molecules 
_entity.pdbx_ec 
_entity.pdbx_mutation 
_entity.pdbx_fragment 
_entity.details 
1 polymer syn 
;DNA (5'-D(*GP*CP*CP*GP*GP*C)-3')
;
1810.205 2  ? ? ? ? 
2 water   nat water                              18.015   22 ? ? ? ? 
# 
_entity_poly.entity_id                      1 
_entity_poly.type                           polydeoxyribonucleotide 
_entity_poly.nstd_linkage                   no 
_entity_poly.nstd_monomer                   no 
_entity_poly.pdbx_seq_one_letter_code       '(DG)(DC)(DC)(DG)(DG)(DC)' 
_entity_poly.pdbx_seq_one_letter_code_can   GCCGGC 
_entity_poly.pdbx_strand_id                 A,B 
_entity_poly.pdbx_target_identifier         ? 
# 
_pdbx_entity_nonpoly.entity_id   2 
_pdbx_entity_nonpoly.name        water 
_pdbx_entity_nonpoly.comp_id     HOH 
# 
loop_
_entity_poly_seq.entity_id 
_entity_poly_seq.num 
_entity_poly_seq.mon_id 
_entity_poly_seq.hetero 
1 1 DG n 
1 2 DC n 
1 3 DC n 
1 4 DG n 
1 5 DG n 
1 6 DC n 
# 
loop_
_chem_comp.id 
_chem_comp.type 
_chem_comp.mon_nstd_flag 
_chem_comp.name 
_chem_comp.pdbx_synonyms 
_chem_comp.formula 
_chem_comp.formula_weight 
DC  'DNA linking' y "2'-DEOXYCYTIDINE-5'-MONOPHOSPHATE"  ? 'C9 H14 N3 O7 P'  307.197 
DG  'DNA linking' y "2'-DEOXYGUANOSINE-5'-MONOPHOSPHATE" ? 'C10 H14 N5 O7 P' 347.221 
HOH non-polymer   . WATER                                ? 'H2 O'            18.015  
# 
loop_
_pdbx_poly_seq_scheme.asym_id 
_pdbx_poly_seq_scheme.entity_id 
_pdbx_poly_seq_scheme.seq_id 
_pdbx_poly_seq_scheme.mon_id 
_pdbx_poly_seq_scheme.ndb_seq_num 
_pdbx_poly_seq_scheme.pdb_seq_num 
_pdbx_poly_seq_scheme.auth_seq_num 
_pdbx_poly_seq_scheme.pdb_mon_id 
_pdbx_poly_seq_scheme.auth_mon_id 
_pdbx_poly_seq_scheme.pdb_strand_id 
_pdbx_poly_seq_scheme.pdb_ins_code 
_pdbx_poly_seq_scheme.hetero 
A 1 1 DG 1 1  1  DG G A . n 
A 1 2 DC 2 2  2  DC C A . n 
A 1 3 DC 3 3  3  DC C A . n 
A 1 4 DG 4 4  4  DG G A . n 
A 1 5 DG 5 5  5  DG G A . n 
A 1 6 DC 6 6  6  DC C A . n 
B 1 1 DG 1 7  7  DG G B . n 
B 1 2 DC 2 8  8  DC C B . n 
B 1 3 DC 3 9  9  DC C B . n 
B 1 4 DG 4 10 10 DG G B . n 
B 1 5 DG 5 11 11 DG G B . n 
B 1 6 DC 6 12 12 DC C B . n 
# 
loop_
_pdbx_nonpoly_scheme.asym_id 
_pdbx_nonpoly_scheme.entity_id 
_pdbx_nonpoly_scheme.mon_id 
_pdbx_nonpoly_scheme.ndb_seq_num 
_pdbx_nonpoly_scheme.pdb_seq_num 
_pdbx_nonpoly_scheme.auth_seq_num 
_pdbx_nonpoly_scheme.pdb_mon_id 
_pdbx_nonpoly_scheme.auth_mon_id 
_pdbx_nonpoly_scheme.pdb_strand_id 
_pdbx_nonpoly_scheme.pdb_ins_code 
C 2 HOH 1  13 13 HOH HOH A . 
C 2 HOH 2  14 14 HOH HOH A . 
C 2 HOH 3  17 17 HOH HOH A . 
C 2 HOH 4  18 18 HOH HOH A . 
C 2 HOH 5  19 19 HOH HOH A . 
C 2 HOH 6  21 21 HOH HOH A . 
C 2 HOH 7  22 22 HOH HOH A . 
C 2 HOH 8  23 23 HOH HOH A . 
C 2 HOH 9  24 24 HOH HOH A . 
C 2 HOH 10 26 26 HOH HOH A . 
C 2 HOH 11 28 28 HOH HOH A . 
C 2 HOH 12 32 32 HOH HOH A . 
C 2 HOH 13 34 34 HOH HOH A . 
D 2 HOH 1  15 15 HOH HOH B . 
D 2 HOH 2  16 16 HOH HOH B . 
D 2 HOH 3  20 20 HOH HOH B . 
D 2 HOH 4  25 25 HOH HOH B . 
D 2 HOH 5  27 27 HOH HOH B . 
D 2 HOH 6  29 29 HOH HOH B . 
D 2 HOH 7  30 30 HOH HOH B . 
D 2 HOH 8  31 31 HOH HOH B . 
D 2 HOH 9  33 33 HOH HOH B . 
# 
loop_
_software.name 
_software.classification 
_software.version 
_software.citation_id 
_software.pdbx_ordinal 
X-PLOR refinement       . ? 1 
XSCANS 'data reduction' . ? 2 
# 
_cell.entry_id           257D 
_cell.length_a           39.100 
_cell.length_b           45.550 
_cell.length_c           39.110 
_cell.angle_alpha        90.00 
_cell.angle_beta         90.00 
_cell.angle_gamma        90.00 
_cell.Z_PDB              16 
_cell.pdbx_unique_axis   ? 
_cell.length_a_esd       ? 
_cell.length_b_esd       ? 
_cell.length_c_esd       ? 
_cell.angle_alpha_esd    ? 
_cell.angle_beta_esd     ? 
_cell.angle_gamma_esd    ? 
# 
_symmetry.entry_id                         257D 
_symmetry.space_group_name_H-M             'C 2 2 21' 
_symmetry.pdbx_full_space_group_name_H-M   ? 
_symmetry.cell_setting                     ? 
_symmetry.Int_Tables_number                20 
_symmetry.space_group_name_Hall            ? 
# 
_exptl.entry_id          257D 
_exptl.method            'X-RAY DIFFRACTION' 
_exptl.crystals_number   ? 
# 
_exptl_crystal.id                    1 
_exptl_crystal.density_meas          ? 
_exptl_crystal.density_percent_sol   48.86 
_exptl_crystal.density_Matthews      2.40 
_exptl_crystal.description           ? 
_exptl_crystal.F_000                 ? 
_exptl_crystal.preparation           ? 
# 
_exptl_crystal_grow.crystal_id      1 
_exptl_crystal_grow.method          'VAPOR DIFFUSION, SITTING DROP' 
_exptl_crystal_grow.temp            ? 
_exptl_crystal_grow.temp_details    'ROOM TEMPERATURE' 
_exptl_crystal_grow.pH              7.00 
_exptl_crystal_grow.pdbx_details    'pH 7.00, VAPOR DIFFUSION, SITTING DROP' 
_exptl_crystal_grow.pdbx_pH_range   ? 
# 
loop_
_exptl_crystal_grow_comp.crystal_id 
_exptl_crystal_grow_comp.id 
_exptl_crystal_grow_comp.sol_id 
_exptl_crystal_grow_comp.name 
_exptl_crystal_grow_comp.volume 
_exptl_crystal_grow_comp.conc 
_exptl_crystal_grow_comp.details 
1 1 1 WATER           ? ? ? 
1 2 1 MPD             ? ? ? 
1 3 1 'NA CACODYLATE' ? ? ? 
1 4 1 SPERMINE        ? ? ? 
1 5 1 MGCL2           ? ? ? 
1 6 2 WATER           ? ? ? 
1 7 2 MPD             ? ? ? 
# 
_diffrn.id                     1 
_diffrn.crystal_id             1 
_diffrn.ambient_temp           ? 
_diffrn.ambient_temp_details   ? 
# 
_diffrn_detector.diffrn_id              1 
_diffrn_detector.detector               DIFFRACTOMETER 
_diffrn_detector.type                   'SIEMENS P4' 
_diffrn_detector.pdbx_collection_date   1994-03-01 
_diffrn_detector.details                ? 
# 
_diffrn_radiation.diffrn_id                        1 
_diffrn_radiation.wavelength_id                    1 
_diffrn_radiation.pdbx_monochromatic_or_laue_m_l   M 
_diffrn_radiation.monochromator                    ? 
_diffrn_radiation.pdbx_diffrn_protocol             ? 
_diffrn_radiation.pdbx_scattering_type             x-ray 
# 
_diffrn_radiation_wavelength.id           1 
_diffrn_radiation_wavelength.wavelength   . 
_diffrn_radiation_wavelength.wt           1.0 
# 
_diffrn_source.diffrn_id                   1 
_diffrn_source.source                      'SEALED TUBE' 
_diffrn_source.type                        ? 
_diffrn_source.pdbx_synchrotron_site       ? 
_diffrn_source.pdbx_synchrotron_beamline   ? 
_diffrn_source.pdbx_wavelength             ? 
_diffrn_source.pdbx_wavelength_list        ? 
# 
_reflns.entry_id                     257D 
_reflns.observed_criterion_sigma_I   0.000 
_reflns.observed_criterion_sigma_F   ? 
_reflns.d_resolution_low             30.000 
_reflns.d_resolution_high            2.100 
_reflns.number_obs                   1344 
_reflns.number_all                   1677 
_reflns.percent_possible_obs         80.400 
_reflns.pdbx_Rmerge_I_obs            ? 
_reflns.pdbx_Rsym_value              ? 
_reflns.pdbx_netI_over_sigmaI        ? 
_reflns.B_iso_Wilson_estimate        ? 
_reflns.pdbx_redundancy              ? 
_reflns.R_free_details               ? 
_reflns.pdbx_chi_squared             ? 
_reflns.pdbx_scaling_rejects         ? 
_reflns.pdbx_diffrn_id               1 
_reflns.pdbx_ordinal                 1 
# 
_refine.entry_id                                 257D 
_refine.ls_number_reflns_obs                     929 
_refine.ls_number_reflns_all                     ? 
_refine.pdbx_ls_sigma_I                          ? 
_refine.pdbx_ls_sigma_F                          2.000 
_refine.pdbx_data_cutoff_high_absF               ? 
_refine.pdbx_data_cutoff_low_absF                ? 
_refine.pdbx_data_cutoff_high_rms_absF           ? 
_refine.ls_d_res_low                             8.000 
_refine.ls_d_res_high                            2.300 
_refine.ls_percent_reflns_obs                    78.800 
_refine.ls_R_factor_obs                          0.1640000 
_refine.ls_R_factor_all                          ? 
_refine.ls_R_factor_R_work                       0.1640000 
_refine.ls_R_factor_R_free                       0.1610000 
_refine.ls_R_factor_R_free_error                 ? 
_refine.ls_R_factor_R_free_error_details         ? 
_refine.ls_percent_reflns_R_free                 ? 
_refine.ls_number_reflns_R_free                  ? 
_refine.ls_number_parameters                     ? 
_refine.ls_number_restraints                     ? 
_refine.occupancy_min                            ? 
_refine.occupancy_max                            ? 
_refine.B_iso_mean                               ? 
_refine.aniso_B[1][1]                            ? 
_refine.aniso_B[2][2]                            ? 
_refine.aniso_B[3][3]                            ? 
_refine.aniso_B[1][2]                            ? 
_refine.aniso_B[1][3]                            ? 
_refine.aniso_B[2][3]                            ? 
_refine.solvent_model_details                    ? 
_refine.solvent_model_param_ksol                 ? 
_refine.solvent_model_param_bsol                 ? 
_refine.pdbx_ls_cross_valid_method               ? 
_refine.details                                  ? 
_refine.pdbx_starting_model                      ? 
_refine.pdbx_method_to_determine_struct          ? 
_refine.pdbx_isotropic_thermal_model             ? 
_refine.pdbx_stereochemistry_target_values       ? 
_refine.pdbx_stereochem_target_val_spec_case     ? 
_refine.pdbx_R_Free_selection_details            ? 
_refine.pdbx_overall_ESU_R                       ? 
_refine.pdbx_overall_ESU_R_Free                  ? 
_refine.overall_SU_ML                            ? 
_refine.overall_SU_B                             ? 
_refine.pdbx_refine_id                           'X-RAY DIFFRACTION' 
_refine.ls_redundancy_reflns_obs                 ? 
_refine.pdbx_overall_phase_error                 ? 
_refine.correlation_coeff_Fo_to_Fc               ? 
_refine.correlation_coeff_Fo_to_Fc_free          ? 
_refine.pdbx_solvent_vdw_probe_radii             ? 
_refine.pdbx_solvent_ion_probe_radii             ? 
_refine.pdbx_solvent_shrinkage_radii             ? 
_refine.overall_SU_R_Cruickshank_DPI             ? 
_refine.overall_SU_R_free                        ? 
_refine.ls_wR_factor_R_free                      ? 
_refine.ls_wR_factor_R_work                      ? 
_refine.overall_FOM_free_R_set                   ? 
_refine.overall_FOM_work_R_set                   ? 
_refine.pdbx_diffrn_id                           1 
_refine.pdbx_TLS_residual_ADP_flag               ? 
_refine.pdbx_overall_SU_R_free_Cruickshank_DPI   ? 
_refine.pdbx_overall_SU_R_Blow_DPI               ? 
_refine.pdbx_overall_SU_R_free_Blow_DPI          ? 
# 
_refine_analyze.entry_id                        257D 
_refine_analyze.Luzzati_coordinate_error_obs    0.25 
_refine_analyze.Luzzati_sigma_a_obs             0.30 
_refine_analyze.Luzzati_d_res_low_obs           ? 
_refine_analyze.Luzzati_coordinate_error_free   ? 
_refine_analyze.Luzzati_sigma_a_free            ? 
_refine_analyze.Luzzati_d_res_low_free          ? 
_refine_analyze.number_disordered_residues      ? 
_refine_analyze.occupancy_sum_hydrogen          ? 
_refine_analyze.occupancy_sum_non_hydrogen      ? 
_refine_analyze.pdbx_refine_id                  'X-RAY DIFFRACTION' 
# 
_refine_hist.pdbx_refine_id                   'X-RAY DIFFRACTION' 
_refine_hist.cycle_id                         LAST 
_refine_hist.pdbx_number_atoms_protein        0 
_refine_hist.pdbx_number_atoms_nucleic_acid   240 
_refine_hist.pdbx_number_atoms_ligand         0 
_refine_hist.number_atoms_solvent             22 
_refine_hist.number_atoms_total               262 
_refine_hist.d_res_high                       2.300 
_refine_hist.d_res_low                        8.000 
# 
loop_
_refine_ls_restr.type 
_refine_ls_restr.dev_ideal 
_refine_ls_restr.dev_ideal_target 
_refine_ls_restr.weight 
_refine_ls_restr.number 
_refine_ls_restr.pdbx_refine_id 
_refine_ls_restr.pdbx_restraint_function 
x_bond_d                0.018 ? ? ? 'X-RAY DIFFRACTION' ? 
x_bond_d_na             ?     ? ? ? 'X-RAY DIFFRACTION' ? 
x_bond_d_prot           ?     ? ? ? 'X-RAY DIFFRACTION' ? 
x_angle_d               ?     ? ? ? 'X-RAY DIFFRACTION' ? 
x_angle_d_na            ?     ? ? ? 'X-RAY DIFFRACTION' ? 
x_angle_d_prot          ?     ? ? ? 'X-RAY DIFFRACTION' ? 
x_angle_deg             3.90  ? ? ? 'X-RAY DIFFRACTION' ? 
x_angle_deg_na          ?     ? ? ? 'X-RAY DIFFRACTION' ? 
x_angle_deg_prot        ?     ? ? ? 'X-RAY DIFFRACTION' ? 
x_dihedral_angle_d      34.3  ? ? ? 'X-RAY DIFFRACTION' ? 
x_dihedral_angle_d_na   ?     ? ? ? 'X-RAY DIFFRACTION' ? 
x_dihedral_angle_d_prot ?     ? ? ? 'X-RAY DIFFRACTION' ? 
x_improper_angle_d      1.52  ? ? ? 'X-RAY DIFFRACTION' ? 
x_improper_angle_d_na   ?     ? ? ? 'X-RAY DIFFRACTION' ? 
x_improper_angle_d_prot ?     ? ? ? 'X-RAY DIFFRACTION' ? 
x_mcbond_it             ?     ? ? ? 'X-RAY DIFFRACTION' ? 
x_mcangle_it            ?     ? ? ? 'X-RAY DIFFRACTION' ? 
x_scbond_it             ?     ? ? ? 'X-RAY DIFFRACTION' ? 
x_scangle_it            ?     ? ? ? 'X-RAY DIFFRACTION' ? 
# 
_struct.entry_id                  257D 
_struct.title                     'ALTERNATING AND NON-ALTERNATING DG-DC HEXANUCLEOTIDES CRYSTALLIZE AS CANONICAL A-DNA' 
_struct.pdbx_model_details        ? 
_struct.pdbx_CASP_flag            ? 
_struct.pdbx_model_type_details   ? 
# 
_struct_keywords.entry_id        257D 
_struct_keywords.pdbx_keywords   DNA 
_struct_keywords.text            'A-DNA, DOUBLE HELIX, MODIFIED, DNA' 
# 
loop_
_struct_asym.id 
_struct_asym.pdbx_blank_PDB_chainid_flag 
_struct_asym.pdbx_modified 
_struct_asym.entity_id 
_struct_asym.details 
A N N 1 ? 
B N N 1 ? 
C N N 2 ? 
D N N 2 ? 
# 
_struct_ref.id                         1 
_struct_ref.entity_id                  1 
_struct_ref.db_name                    PDB 
_struct_ref.db_code                    257D 
_struct_ref.pdbx_db_accession          257D 
_struct_ref.pdbx_align_begin           ? 
_struct_ref.pdbx_seq_one_letter_code   ? 
_struct_ref.pdbx_db_isoform            ? 
# 
loop_
_struct_ref_seq.align_id 
_struct_ref_seq.ref_id 
_struct_ref_seq.pdbx_PDB_id_code 
_struct_ref_seq.pdbx_strand_id 
_struct_ref_seq.seq_align_beg 
_struct_ref_seq.pdbx_seq_align_beg_ins_code 
_struct_ref_seq.seq_align_end 
_struct_ref_seq.pdbx_seq_align_end_ins_code 
_struct_ref_seq.pdbx_db_accession 
_struct_ref_seq.db_align_beg 
_struct_ref_seq.pdbx_db_align_beg_ins_code 
_struct_ref_seq.db_align_end 
_struct_ref_seq.pdbx_db_align_end_ins_code 
_struct_ref_seq.pdbx_auth_seq_align_beg 
_struct_ref_seq.pdbx_auth_seq_align_end 
1 1 257D A 1 ? 6 ? 257D 1 ? 6  ? 1 6  
2 1 257D B 1 ? 6 ? 257D 7 ? 12 ? 7 12 
# 
_pdbx_struct_assembly.id                   1 
_pdbx_struct_assembly.details              author_defined_assembly 
_pdbx_struct_assembly.method_details       ? 
_pdbx_struct_assembly.oligomeric_details   dimeric 
_pdbx_struct_assembly.oligomeric_count     2 
# 
_pdbx_struct_assembly_gen.assembly_id       1 
_pdbx_struct_assembly_gen.oper_expression   1 
_pdbx_struct_assembly_gen.asym_id_list      A,B,C,D 
# 
_pdbx_struct_oper_list.id                   1 
_pdbx_struct_oper_list.type                 'identity operation' 
_pdbx_struct_oper_list.name                 1_555 
_pdbx_struct_oper_list.symmetry_operation   x,y,z 
_pdbx_struct_oper_list.matrix[1][1]         1.0000000000 
_pdbx_struct_oper_list.matrix[1][2]         0.0000000000 
_pdbx_struct_oper_list.matrix[1][3]         0.0000000000 
_pdbx_struct_oper_list.vector[1]            0.0000000000 
_pdbx_struct_oper_list.matrix[2][1]         0.0000000000 
_pdbx_struct_oper_list.matrix[2][2]         1.0000000000 
_pdbx_struct_oper_list.matrix[2][3]         0.0000000000 
_pdbx_struct_oper_list.vector[2]            0.0000000000 
_pdbx_struct_oper_list.matrix[3][1]         0.0000000000 
_pdbx_struct_oper_list.matrix[3][2]         0.0000000000 
_pdbx_struct_oper_list.matrix[3][3]         1.0000000000 
_pdbx_struct_oper_list.vector[3]            0.0000000000 
# 
_struct_biol.id        1 
_struct_biol.details   ? 
# 
loop_
_struct_conn.id 
_struct_conn.conn_type_id 
_struct_conn.pdbx_leaving_atom_flag 
_struct_conn.pdbx_PDB_id 
_struct_conn.ptnr1_label_asym_id 
_struct_conn.ptnr1_label_comp_id 
_struct_conn.ptnr1_label_seq_id 
_struct_conn.ptnr1_label_atom_id 
_struct_conn.pdbx_ptnr1_label_alt_id 
_struct_conn.pdbx_ptnr1_PDB_ins_code 
_struct_conn.pdbx_ptnr1_standard_comp_id 
_struct_conn.ptnr1_symmetry 
_struct_conn.ptnr2_label_asym_id 
_struct_conn.ptnr2_label_comp_id 
_struct_conn.ptnr2_label_seq_id 
_struct_conn.ptnr2_label_atom_id 
_struct_conn.pdbx_ptnr2_label_alt_id 
_struct_conn.pdbx_ptnr2_PDB_ins_code 
_struct_conn.ptnr1_auth_asym_id 
_struct_conn.ptnr1_auth_comp_id 
_struct_conn.ptnr1_auth_seq_id 
_struct_conn.ptnr2_auth_asym_id 
_struct_conn.ptnr2_auth_comp_id 
_struct_conn.ptnr2_auth_seq_id 
_struct_conn.ptnr2_symmetry 
_struct_conn.pdbx_ptnr3_label_atom_id 
_struct_conn.pdbx_ptnr3_label_seq_id 
_struct_conn.pdbx_ptnr3_label_comp_id 
_struct_conn.pdbx_ptnr3_label_asym_id 
_struct_conn.pdbx_ptnr3_label_alt_id 
_struct_conn.pdbx_ptnr3_PDB_ins_code 
_struct_conn.details 
_struct_conn.pdbx_dist_value 
_struct_conn.pdbx_value_order 
_struct_conn.pdbx_role 
hydrog1  hydrog ? ? A DG 1 N1 ? ? ? 1_555 B DC 6 N3 ? ? A DG 1 B DC 12 1_555 ? ? ? ? ? ? WATSON-CRICK ? ? ? 
hydrog2  hydrog ? ? A DG 1 N2 ? ? ? 1_555 B DC 6 O2 ? ? A DG 1 B DC 12 1_555 ? ? ? ? ? ? WATSON-CRICK ? ? ? 
hydrog3  hydrog ? ? A DG 1 O6 ? ? ? 1_555 B DC 6 N4 ? ? A DG 1 B DC 12 1_555 ? ? ? ? ? ? WATSON-CRICK ? ? ? 
hydrog4  hydrog ? ? A DC 2 N3 ? ? ? 1_555 B DG 5 N1 ? ? A DC 2 B DG 11 1_555 ? ? ? ? ? ? WATSON-CRICK ? ? ? 
hydrog5  hydrog ? ? A DC 2 N4 ? ? ? 1_555 B DG 5 O6 ? ? A DC 2 B DG 11 1_555 ? ? ? ? ? ? WATSON-CRICK ? ? ? 
hydrog6  hydrog ? ? A DC 2 O2 ? ? ? 1_555 B DG 5 N2 ? ? A DC 2 B DG 11 1_555 ? ? ? ? ? ? WATSON-CRICK ? ? ? 
hydrog7  hydrog ? ? A DC 3 N3 ? ? ? 1_555 B DG 4 N1 ? ? A DC 3 B DG 10 1_555 ? ? ? ? ? ? WATSON-CRICK ? ? ? 
hydrog8  hydrog ? ? A DC 3 N4 ? ? ? 1_555 B DG 4 O6 ? ? A DC 3 B DG 10 1_555 ? ? ? ? ? ? WATSON-CRICK ? ? ? 
hydrog9  hydrog ? ? A DC 3 O2 ? ? ? 1_555 B DG 4 N2 ? ? A DC 3 B DG 10 1_555 ? ? ? ? ? ? WATSON-CRICK ? ? ? 
hydrog10 hydrog ? ? A DG 4 N1 ? ? ? 1_555 B DC 3 N3 ? ? A DG 4 B DC 9  1_555 ? ? ? ? ? ? WATSON-CRICK ? ? ? 
hydrog11 hydrog ? ? A DG 4 N2 ? ? ? 1_555 B DC 3 O2 ? ? A DG 4 B DC 9  1_555 ? ? ? ? ? ? WATSON-CRICK ? ? ? 
hydrog12 hydrog ? ? A DG 4 O6 ? ? ? 1_555 B DC 3 N4 ? ? A DG 4 B DC 9  1_555 ? ? ? ? ? ? WATSON-CRICK ? ? ? 
hydrog13 hydrog ? ? A DG 5 N1 ? ? ? 1_555 B DC 2 N3 ? ? A DG 5 B DC 8  1_555 ? ? ? ? ? ? WATSON-CRICK ? ? ? 
hydrog14 hydrog ? ? A DG 5 N2 ? ? ? 1_555 B DC 2 O2 ? ? A DG 5 B DC 8  1_555 ? ? ? ? ? ? WATSON-CRICK ? ? ? 
hydrog15 hydrog ? ? A DG 5 O6 ? ? ? 1_555 B DC 2 N4 ? ? A DG 5 B DC 8  1_555 ? ? ? ? ? ? WATSON-CRICK ? ? ? 
hydrog16 hydrog ? ? A DC 6 N3 ? ? ? 1_555 B DG 1 N1 ? ? A DC 6 B DG 7  1_555 ? ? ? ? ? ? WATSON-CRICK ? ? ? 
hydrog17 hydrog ? ? A DC 6 N4 ? ? ? 1_555 B DG 1 O6 ? ? A DC 6 B DG 7  1_555 ? ? ? ? ? ? WATSON-CRICK ? ? ? 
hydrog18 hydrog ? ? A DC 6 O2 ? ? ? 1_555 B DG 1 N2 ? ? A DC 6 B DG 7  1_555 ? ? ? ? ? ? WATSON-CRICK ? ? ? 
# 
_struct_conn_type.id          hydrog 
_struct_conn_type.criteria    ? 
_struct_conn_type.reference   ? 
# 
_pdbx_validate_close_contact.id               1 
_pdbx_validate_close_contact.PDB_model_num    1 
_pdbx_validate_close_contact.auth_atom_id_1   "O5'" 
_pdbx_validate_close_contact.auth_asym_id_1   A 
_pdbx_validate_close_contact.auth_comp_id_1   DG 
_pdbx_validate_close_contact.auth_seq_id_1    4 
_pdbx_validate_close_contact.PDB_ins_code_1   ? 
_pdbx_validate_close_contact.label_alt_id_1   ? 
_pdbx_validate_close_contact.auth_atom_id_2   O 
_pdbx_validate_close_contact.auth_asym_id_2   A 
_pdbx_validate_close_contact.auth_comp_id_2   HOH 
_pdbx_validate_close_contact.auth_seq_id_2    28 
_pdbx_validate_close_contact.PDB_ins_code_2   ? 
_pdbx_validate_close_contact.label_alt_id_2   ? 
_pdbx_validate_close_contact.dist             2.19 
# 
loop_
_pdbx_validate_rmsd_bond.id 
_pdbx_validate_rmsd_bond.PDB_model_num 
_pdbx_validate_rmsd_bond.auth_atom_id_1 
_pdbx_validate_rmsd_bond.auth_asym_id_1 
_pdbx_validate_rmsd_bond.auth_comp_id_1 
_pdbx_validate_rmsd_bond.auth_seq_id_1 
_pdbx_validate_rmsd_bond.PDB_ins_code_1 
_pdbx_validate_rmsd_bond.label_alt_id_1 
_pdbx_validate_rmsd_bond.auth_atom_id_2 
_pdbx_validate_rmsd_bond.auth_asym_id_2 
_pdbx_validate_rmsd_bond.auth_comp_id_2 
_pdbx_validate_rmsd_bond.auth_seq_id_2 
_pdbx_validate_rmsd_bond.PDB_ins_code_2 
_pdbx_validate_rmsd_bond.label_alt_id_2 
_pdbx_validate_rmsd_bond.bond_value 
_pdbx_validate_rmsd_bond.bond_target_value 
_pdbx_validate_rmsd_bond.bond_deviation 
_pdbx_validate_rmsd_bond.bond_standard_deviation 
_pdbx_validate_rmsd_bond.linker_flag 
1 1 "C3'" A DC 3  ? ? "C2'" A DC 3  ? ? 1.459 1.516 -0.057 0.008 N 
2 1 "C3'" A DG 4  ? ? "C2'" A DG 4  ? ? 1.455 1.516 -0.061 0.008 N 
3 1 "O4'" A DG 4  ? ? "C4'" A DG 4  ? ? 1.382 1.446 -0.064 0.010 N 
4 1 "C3'" A DC 6  ? ? "C2'" A DC 6  ? ? 1.449 1.516 -0.067 0.008 N 
5 1 "C3'" B DG 10 ? ? "C2'" B DG 10 ? ? 1.464 1.516 -0.052 0.008 N 
6 1 "C3'" B DG 11 ? ? "C2'" B DG 11 ? ? 1.466 1.516 -0.050 0.008 N 
# 
loop_
_pdbx_validate_rmsd_angle.id 
_pdbx_validate_rmsd_angle.PDB_model_num 
_pdbx_validate_rmsd_angle.auth_atom_id_1 
_pdbx_validate_rmsd_angle.auth_asym_id_1 
_pdbx_validate_rmsd_angle.auth_comp_id_1 
_pdbx_validate_rmsd_angle.auth_seq_id_1 
_pdbx_validate_rmsd_angle.PDB_ins_code_1 
_pdbx_validate_rmsd_angle.label_alt_id_1 
_pdbx_validate_rmsd_angle.auth_atom_id_2 
_pdbx_validate_rmsd_angle.auth_asym_id_2 
_pdbx_validate_rmsd_angle.auth_comp_id_2 
_pdbx_validate_rmsd_angle.auth_seq_id_2 
_pdbx_validate_rmsd_angle.PDB_ins_code_2 
_pdbx_validate_rmsd_angle.label_alt_id_2 
_pdbx_validate_rmsd_angle.auth_atom_id_3 
_pdbx_validate_rmsd_angle.auth_asym_id_3 
_pdbx_validate_rmsd_angle.auth_comp_id_3 
_pdbx_validate_rmsd_angle.auth_seq_id_3 
_pdbx_validate_rmsd_angle.PDB_ins_code_3 
_pdbx_validate_rmsd_angle.label_alt_id_3 
_pdbx_validate_rmsd_angle.angle_value 
_pdbx_validate_rmsd_angle.angle_target_value 
_pdbx_validate_rmsd_angle.angle_deviation 
_pdbx_validate_rmsd_angle.angle_standard_deviation 
_pdbx_validate_rmsd_angle.linker_flag 
1  1 "C4'" A DG 1  ? ? "C3'" A DG 1  ? ? "C2'" A DG 1  ? ? 97.70  102.20 -4.50 0.70 N 
2  1 "O4'" A DG 1  ? ? "C1'" A DG 1  ? ? N9    A DG 1  ? ? 114.04 108.30 5.74  0.30 N 
3  1 N7    A DG 1  ? ? C8    A DG 1  ? ? N9    A DG 1  ? ? 116.18 113.10 3.08  0.50 N 
4  1 "C4'" A DC 2  ? ? "C3'" A DC 2  ? ? "C2'" A DC 2  ? ? 97.86  102.20 -4.34 0.70 N 
5  1 "O4'" A DC 2  ? ? "C1'" A DC 2  ? ? N1    A DC 2  ? ? 114.00 108.30 5.70  0.30 N 
6  1 "O4'" A DC 3  ? ? "C1'" A DC 3  ? ? N1    A DC 3  ? ? 113.41 108.30 5.11  0.30 N 
7  1 N1    A DC 3  ? ? C2    A DC 3  ? ? O2    A DC 3  ? ? 122.85 118.90 3.95  0.60 N 
8  1 N3    A DC 3  ? ? C2    A DC 3  ? ? O2    A DC 3  ? ? 117.41 121.90 -4.49 0.70 N 
9  1 "O4'" A DG 4  ? ? "C4'" A DG 4  ? ? "C3'" A DG 4  ? ? 101.90 104.50 -2.60 0.40 N 
10 1 "O4'" A DG 4  ? ? "C1'" A DG 4  ? ? N9    A DG 4  ? ? 111.49 108.30 3.19  0.30 N 
11 1 "O4'" A DG 5  ? ? "C4'" A DG 5  ? ? "C3'" A DG 5  ? ? 100.47 104.50 -4.03 0.40 N 
12 1 "C4'" A DG 5  ? ? "C3'" A DG 5  ? ? "C2'" A DG 5  ? ? 97.94  102.20 -4.26 0.70 N 
13 1 N3    A DG 5  ? ? C2    A DG 5  ? ? N2    A DG 5  ? ? 113.79 119.90 -6.11 0.70 N 
14 1 "O4'" A DC 6  ? ? "C4'" A DC 6  ? ? "C3'" A DC 6  ? ? 99.34  104.50 -5.16 0.40 N 
15 1 "O4'" A DC 6  ? ? "C1'" A DC 6  ? ? N1    A DC 6  ? ? 115.43 108.30 7.13  0.30 N 
16 1 C2    A DC 6  ? ? N3    A DC 6  ? ? C4    A DC 6  ? ? 122.99 119.90 3.09  0.50 N 
17 1 N1    A DC 6  ? ? C2    A DC 6  ? ? O2    A DC 6  ? ? 124.05 118.90 5.15  0.60 N 
18 1 "O4'" B DG 7  ? ? "C1'" B DG 7  ? ? N9    B DG 7  ? ? 111.79 108.30 3.49  0.30 N 
19 1 N7    B DG 7  ? ? C8    B DG 7  ? ? N9    B DG 7  ? ? 116.67 113.10 3.57  0.50 N 
20 1 C8    B DG 7  ? ? N9    B DG 7  ? ? C4    B DG 7  ? ? 103.67 106.40 -2.73 0.40 N 
21 1 N1    B DG 7  ? ? C6    B DG 7  ? ? O6    B DG 7  ? ? 115.13 119.90 -4.77 0.60 N 
22 1 "O4'" B DC 8  ? ? "C1'" B DC 8  ? ? N1    B DC 8  ? ? 111.00 108.30 2.70  0.30 N 
23 1 "C4'" B DC 9  ? ? "C3'" B DC 9  ? ? "C2'" B DC 9  ? ? 96.98  102.20 -5.22 0.70 N 
24 1 "O4'" B DC 9  ? ? "C1'" B DC 9  ? ? N1    B DC 9  ? ? 113.51 108.30 5.21  0.30 N 
25 1 "O4'" B DG 10 ? ? "C4'" B DG 10 ? ? "C3'" B DG 10 ? ? 99.94  104.50 -4.56 0.40 N 
26 1 "O4'" B DG 10 ? ? "C1'" B DG 10 ? ? N9    B DG 10 ? ? 112.66 108.30 4.36  0.30 N 
27 1 "C4'" B DG 11 ? ? "C3'" B DG 11 ? ? "C2'" B DG 11 ? ? 97.19  102.20 -5.01 0.70 N 
28 1 "O4'" B DG 11 ? ? "C1'" B DG 11 ? ? N9    B DG 11 ? ? 115.04 108.30 6.74  0.30 N 
29 1 N1    B DG 11 ? ? C6    B DG 11 ? ? O6    B DG 11 ? ? 115.50 119.90 -4.40 0.60 N 
30 1 "O4'" B DC 12 ? ? "C4'" B DC 12 ? ? "C3'" B DC 12 ? ? 101.25 104.50 -3.25 0.40 N 
31 1 "O4'" B DC 12 ? ? "C1'" B DC 12 ? ? N1    B DC 12 ? ? 113.73 108.30 5.43  0.30 N 
32 1 N1    B DC 12 ? ? C2    B DC 12 ? ? O2    B DC 12 ? ? 123.45 118.90 4.55  0.60 N 
# 
_pdbx_validate_planes.id              1 
_pdbx_validate_planes.PDB_model_num   1 
_pdbx_validate_planes.auth_comp_id    DC 
_pdbx_validate_planes.auth_asym_id    B 
_pdbx_validate_planes.auth_seq_id     8 
_pdbx_validate_planes.PDB_ins_code    ? 
_pdbx_validate_planes.label_alt_id    ? 
_pdbx_validate_planes.rmsd            0.090 
_pdbx_validate_planes.type            'SIDE CHAIN' 
# 
loop_
_refine_B_iso.class 
_refine_B_iso.details 
_refine_B_iso.treatment 
_refine_B_iso.pdbx_refine_id 
'ALL ATOMS'  TR isotropic 'X-RAY DIFFRACTION' 
'ALL WATERS' TR isotropic 'X-RAY DIFFRACTION' 
# 
loop_
_refine_occupancy.class 
_refine_occupancy.treatment 
_refine_occupancy.pdbx_refine_id 
'ALL ATOMS'  fix 'X-RAY DIFFRACTION' 
'ALL WATERS' fix 'X-RAY DIFFRACTION' 
# 
loop_
_chem_comp_atom.comp_id 
_chem_comp_atom.atom_id 
_chem_comp_atom.type_symbol 
_chem_comp_atom.pdbx_aromatic_flag 
_chem_comp_atom.pdbx_stereo_config 
_chem_comp_atom.pdbx_ordinal 
DC  OP3    O N N 1  
DC  P      P N N 2  
DC  OP1    O N N 3  
DC  OP2    O N N 4  
DC  "O5'"  O N N 5  
DC  "C5'"  C N N 6  
DC  "C4'"  C N R 7  
DC  "O4'"  O N N 8  
DC  "C3'"  C N S 9  
DC  "O3'"  O N N 10 
DC  "C2'"  C N N 11 
DC  "C1'"  C N R 12 
DC  N1     N N N 13 
DC  C2     C N N 14 
DC  O2     O N N 15 
DC  N3     N N N 16 
DC  C4     C N N 17 
DC  N4     N N N 18 
DC  C5     C N N 19 
DC  C6     C N N 20 
DC  HOP3   H N N 21 
DC  HOP2   H N N 22 
DC  "H5'"  H N N 23 
DC  "H5''" H N N 24 
DC  "H4'"  H N N 25 
DC  "H3'"  H N N 26 
DC  "HO3'" H N N 27 
DC  "H2'"  H N N 28 
DC  "H2''" H N N 29 
DC  "H1'"  H N N 30 
DC  H41    H N N 31 
DC  H42    H N N 32 
DC  H5     H N N 33 
DC  H6     H N N 34 
DG  OP3    O N N 35 
DG  P      P N N 36 
DG  OP1    O N N 37 
DG  OP2    O N N 38 
DG  "O5'"  O N N 39 
DG  "C5'"  C N N 40 
DG  "C4'"  C N R 41 
DG  "O4'"  O N N 42 
DG  "C3'"  C N S 43 
DG  "O3'"  O N N 44 
DG  "C2'"  C N N 45 
DG  "C1'"  C N R 46 
DG  N9     N Y N 47 
DG  C8     C Y N 48 
DG  N7     N Y N 49 
DG  C5     C Y N 50 
DG  C6     C N N 51 
DG  O6     O N N 52 
DG  N1     N N N 53 
DG  C2     C N N 54 
DG  N2     N N N 55 
DG  N3     N N N 56 
DG  C4     C Y N 57 
DG  HOP3   H N N 58 
DG  HOP2   H N N 59 
DG  "H5'"  H N N 60 
DG  "H5''" H N N 61 
DG  "H4'"  H N N 62 
DG  "H3'"  H N N 63 
DG  "HO3'" H N N 64 
DG  "H2'"  H N N 65 
DG  "H2''" H N N 66 
DG  "H1'"  H N N 67 
DG  H8     H N N 68 
DG  H1     H N N 69 
DG  H21    H N N 70 
DG  H22    H N N 71 
HOH O      O N N 72 
HOH H1     H N N 73 
HOH H2     H N N 74 
# 
loop_
_chem_comp_bond.comp_id 
_chem_comp_bond.atom_id_1 
_chem_comp_bond.atom_id_2 
_chem_comp_bond.value_order 
_chem_comp_bond.pdbx_aromatic_flag 
_chem_comp_bond.pdbx_stereo_config 
_chem_comp_bond.pdbx_ordinal 
DC  OP3   P      sing N N 1  
DC  OP3   HOP3   sing N N 2  
DC  P     OP1    doub N N 3  
DC  P     OP2    sing N N 4  
DC  P     "O5'"  sing N N 5  
DC  OP2   HOP2   sing N N 6  
DC  "O5'" "C5'"  sing N N 7  
DC  "C5'" "C4'"  sing N N 8  
DC  "C5'" "H5'"  sing N N 9  
DC  "C5'" "H5''" sing N N 10 
DC  "C4'" "O4'"  sing N N 11 
DC  "C4'" "C3'"  sing N N 12 
DC  "C4'" "H4'"  sing N N 13 
DC  "O4'" "C1'"  sing N N 14 
DC  "C3'" "O3'"  sing N N 15 
DC  "C3'" "C2'"  sing N N 16 
DC  "C3'" "H3'"  sing N N 17 
DC  "O3'" "HO3'" sing N N 18 
DC  "C2'" "C1'"  sing N N 19 
DC  "C2'" "H2'"  sing N N 20 
DC  "C2'" "H2''" sing N N 21 
DC  "C1'" N1     sing N N 22 
DC  "C1'" "H1'"  sing N N 23 
DC  N1    C2     sing N N 24 
DC  N1    C6     sing N N 25 
DC  C2    O2     doub N N 26 
DC  C2    N3     sing N N 27 
DC  N3    C4     doub N N 28 
DC  C4    N4     sing N N 29 
DC  C4    C5     sing N N 30 
DC  N4    H41    sing N N 31 
DC  N4    H42    sing N N 32 
DC  C5    C6     doub N N 33 
DC  C5    H5     sing N N 34 
DC  C6    H6     sing N N 35 
DG  OP3   P      sing N N 36 
DG  OP3   HOP3   sing N N 37 
DG  P     OP1    doub N N 38 
DG  P     OP2    sing N N 39 
DG  P     "O5'"  sing N N 40 
DG  OP2   HOP2   sing N N 41 
DG  "O5'" "C5'"  sing N N 42 
DG  "C5'" "C4'"  sing N N 43 
DG  "C5'" "H5'"  sing N N 44 
DG  "C5'" "H5''" sing N N 45 
DG  "C4'" "O4'"  sing N N 46 
DG  "C4'" "C3'"  sing N N 47 
DG  "C4'" "H4'"  sing N N 48 
DG  "O4'" "C1'"  sing N N 49 
DG  "C3'" "O3'"  sing N N 50 
DG  "C3'" "C2'"  sing N N 51 
DG  "C3'" "H3'"  sing N N 52 
DG  "O3'" "HO3'" sing N N 53 
DG  "C2'" "C1'"  sing N N 54 
DG  "C2'" "H2'"  sing N N 55 
DG  "C2'" "H2''" sing N N 56 
DG  "C1'" N9     sing N N 57 
DG  "C1'" "H1'"  sing N N 58 
DG  N9    C8     sing Y N 59 
DG  N9    C4     sing Y N 60 
DG  C8    N7     doub Y N 61 
DG  C8    H8     sing N N 62 
DG  N7    C5     sing Y N 63 
DG  C5    C6     sing N N 64 
DG  C5    C4     doub Y N 65 
DG  C6    O6     doub N N 66 
DG  C6    N1     sing N N 67 
DG  N1    C2     sing N N 68 
DG  N1    H1     sing N N 69 
DG  C2    N2     sing N N 70 
DG  C2    N3     doub N N 71 
DG  N2    H21    sing N N 72 
DG  N2    H22    sing N N 73 
DG  N3    C4     sing N N 74 
HOH O     H1     sing N N 75 
HOH O     H2     sing N N 76 
# 
_ndb_struct_conf_na.entry_id   257D 
_ndb_struct_conf_na.feature    'a-form double helix' 
# 
loop_
_ndb_struct_na_base_pair.model_number 
_ndb_struct_na_base_pair.i_label_asym_id 
_ndb_struct_na_base_pair.i_label_comp_id 
_ndb_struct_na_base_pair.i_label_seq_id 
_ndb_struct_na_base_pair.i_symmetry 
_ndb_struct_na_base_pair.j_label_asym_id 
_ndb_struct_na_base_pair.j_label_comp_id 
_ndb_struct_na_base_pair.j_label_seq_id 
_ndb_struct_na_base_pair.j_symmetry 
_ndb_struct_na_base_pair.shear 
_ndb_struct_na_base_pair.stretch 
_ndb_struct_na_base_pair.stagger 
_ndb_struct_na_base_pair.buckle 
_ndb_struct_na_base_pair.propeller 
_ndb_struct_na_base_pair.opening 
_ndb_struct_na_base_pair.pair_number 
_ndb_struct_na_base_pair.pair_name 
_ndb_struct_na_base_pair.i_auth_asym_id 
_ndb_struct_na_base_pair.i_auth_seq_id 
_ndb_struct_na_base_pair.i_PDB_ins_code 
_ndb_struct_na_base_pair.j_auth_asym_id 
_ndb_struct_na_base_pair.j_auth_seq_id 
_ndb_struct_na_base_pair.j_PDB_ins_code 
_ndb_struct_na_base_pair.hbond_type_28 
_ndb_struct_na_base_pair.hbond_type_12 
1 A DG 1 1_555 B DC 6 1_555 -0.619 0.077  -0.112 -3.741  1.402   3.415  1 A_DG1:DC12_B A 1 ? B 12 ? 19 1 
1 A DC 2 1_555 B DG 5 1_555 0.096  -0.254 0.135  6.596   -13.242 -2.799 2 A_DC2:DG11_B A 2 ? B 11 ? 19 1 
1 A DC 3 1_555 B DG 4 1_555 0.851  -0.133 0.406  6.129   -20.695 4.544  3 A_DC3:DG10_B A 3 ? B 10 ? 19 1 
1 A DG 4 1_555 B DC 3 1_555 -0.141 0.048  -0.366 -7.434  -10.612 6.220  4 A_DG4:DC9_B  A 4 ? B 9  ? 19 1 
1 A DG 5 1_555 B DC 2 1_555 -0.522 -0.034 -0.128 -10.474 -12.508 4.743  5 A_DG5:DC8_B  A 5 ? B 8  ? 19 1 
1 A DC 6 1_555 B DG 1 1_555 0.619  -0.307 -0.078 3.681   0.982   -4.863 6 A_DC6:DG7_B  A 6 ? B 7  ? 19 1 
# 
loop_
_ndb_struct_na_base_pair_step.model_number 
_ndb_struct_na_base_pair_step.i_label_asym_id_1 
_ndb_struct_na_base_pair_step.i_label_comp_id_1 
_ndb_struct_na_base_pair_step.i_label_seq_id_1 
_ndb_struct_na_base_pair_step.i_symmetry_1 
_ndb_struct_na_base_pair_step.j_label_asym_id_1 
_ndb_struct_na_base_pair_step.j_label_comp_id_1 
_ndb_struct_na_base_pair_step.j_label_seq_id_1 
_ndb_struct_na_base_pair_step.j_symmetry_1 
_ndb_struct_na_base_pair_step.i_label_asym_id_2 
_ndb_struct_na_base_pair_step.i_label_comp_id_2 
_ndb_struct_na_base_pair_step.i_label_seq_id_2 
_ndb_struct_na_base_pair_step.i_symmetry_2 
_ndb_struct_na_base_pair_step.j_label_asym_id_2 
_ndb_struct_na_base_pair_step.j_label_comp_id_2 
_ndb_struct_na_base_pair_step.j_label_seq_id_2 
_ndb_struct_na_base_pair_step.j_symmetry_2 
_ndb_struct_na_base_pair_step.shift 
_ndb_struct_na_base_pair_step.slide 
_ndb_struct_na_base_pair_step.rise 
_ndb_struct_na_base_pair_step.tilt 
_ndb_struct_na_base_pair_step.roll 
_ndb_struct_na_base_pair_step.twist 
_ndb_struct_na_base_pair_step.x_displacement 
_ndb_struct_na_base_pair_step.y_displacement 
_ndb_struct_na_base_pair_step.helical_rise 
_ndb_struct_na_base_pair_step.inclination 
_ndb_struct_na_base_pair_step.tip 
_ndb_struct_na_base_pair_step.helical_twist 
_ndb_struct_na_base_pair_step.step_number 
_ndb_struct_na_base_pair_step.step_name 
_ndb_struct_na_base_pair_step.i_auth_asym_id_1 
_ndb_struct_na_base_pair_step.i_auth_seq_id_1 
_ndb_struct_na_base_pair_step.i_PDB_ins_code_1 
_ndb_struct_na_base_pair_step.j_auth_asym_id_1 
_ndb_struct_na_base_pair_step.j_auth_seq_id_1 
_ndb_struct_na_base_pair_step.j_PDB_ins_code_1 
_ndb_struct_na_base_pair_step.i_auth_asym_id_2 
_ndb_struct_na_base_pair_step.i_auth_seq_id_2 
_ndb_struct_na_base_pair_step.i_PDB_ins_code_2 
_ndb_struct_na_base_pair_step.j_auth_asym_id_2 
_ndb_struct_na_base_pair_step.j_auth_seq_id_2 
_ndb_struct_na_base_pair_step.j_PDB_ins_code_2 
1 A DG 1 1_555 B DC 6 1_555 A DC 2 1_555 B DG 5 1_555 -0.654 -1.480 3.147 -1.701 5.787  35.416 -3.172 0.835  2.904 9.429  2.771  
35.910 1 AA_DG1DC2:DG11DC12_BB A 1 ? B 12 ? A 2 ? B 11 ? 
1 A DC 2 1_555 B DG 5 1_555 A DC 3 1_555 B DG 4 1_555 0.398  -1.722 3.352 -0.817 8.770  32.511 -4.344 -0.815 2.795 15.317 1.427  
33.651 2 AA_DC2DC3:DG10DG11_BB A 2 ? B 11 ? A 3 ? B 10 ? 
1 A DC 3 1_555 B DG 4 1_555 A DG 4 1_555 B DC 3 1_555 -0.017 -1.719 3.512 3.690  16.858 24.897 -6.452 0.723  1.958 34.330 -7.516 
30.215 3 AA_DC3DG4:DC9DG10_BB  A 3 ? B 10 ? A 4 ? B 9  ? 
1 A DG 4 1_555 B DC 3 1_555 A DG 5 1_555 B DC 2 1_555 0.010  -1.643 3.390 -0.669 11.767 25.663 -5.930 -0.166 2.416 24.888 1.416  
28.199 4 AA_DG4DG5:DC8DC9_BB   A 4 ? B 9  ? A 5 ? B 8  ? 
1 A DG 5 1_555 B DC 2 1_555 A DC 6 1_555 B DG 1 1_555 0.044  -1.219 2.985 -0.767 2.517  37.279 -2.202 -0.159 2.898 3.932  1.198  
37.369 5 AA_DG5DC6:DG7DC8_BB   A 5 ? B 8  ? A 6 ? B 7  ? 
# 
_atom_sites.entry_id                    257D 
_atom_sites.fract_transf_matrix[1][1]   -0.00178267 
_atom_sites.fract_transf_matrix[1][2]   0.00717975 
_atom_sites.fract_transf_matrix[1][3]   -0.02448170 
_atom_sites.fract_transf_matrix[2][1]   -0.02126662 
_atom_sites.fract_transf_matrix[2][2]   -0.00545035 
_atom_sites.fract_transf_matrix[2][3]   -0.00004986 
_atom_sites.fract_transf_matrix[3][1]   -0.00609276 
_atom_sites.fract_transf_matrix[3][2]   0.02370558 
_atom_sites.fract_transf_matrix[3][3]   0.00739579 
_atom_sites.fract_transf_vector[1]      0.264449 
_atom_sites.fract_transf_vector[2]      0.254263 
_atom_sites.fract_transf_vector[3]      0.008649 
# 
loop_
_atom_type.symbol 
C 
N 
O 
P 
# 
loop_
_atom_site.group_PDB 
_atom_site.id 
_atom_site.type_symbol 
_atom_site.label_atom_id 
_atom_site.label_alt_id 
_atom_site.label_comp_id 
_atom_site.label_asym_id 
_atom_site.label_entity_id 
_atom_site.label_seq_id 
_atom_site.pdbx_PDB_ins_code 
_atom_site.Cartn_x 
_atom_site.Cartn_y 
_atom_site.Cartn_z 
_atom_site.occupancy 
_atom_site.B_iso_or_equiv 
_atom_site.pdbx_formal_charge 
_atom_site.auth_seq_id 
_atom_site.auth_comp_id 
_atom_site.auth_asym_id 
_atom_site.auth_atom_id 
_atom_site.pdbx_PDB_model_num 
ATOM   1   O "O5'" . DG  A 1 1 ? -2.450  5.953  -10.039 1.00 31.64 ? 1  DG  A "O5'" 1 
ATOM   2   C "C5'" . DG  A 1 1 ? -3.324  5.442  -11.055 1.00 24.29 ? 1  DG  A "C5'" 1 
ATOM   3   C "C4'" . DG  A 1 1 ? -3.123  3.956  -11.350 1.00 19.62 ? 1  DG  A "C4'" 1 
ATOM   4   O "O4'" . DG  A 1 1 ? -1.787  3.708  -11.769 1.00 19.82 ? 1  DG  A "O4'" 1 
ATOM   5   C "C3'" . DG  A 1 1 ? -3.395  3.026  -10.207 1.00 18.01 ? 1  DG  A "C3'" 1 
ATOM   6   O "O3'" . DG  A 1 1 ? -4.751  2.603  -10.266 1.00 21.74 ? 1  DG  A "O3'" 1 
ATOM   7   C "C2'" . DG  A 1 1 ? -2.599  1.875  -10.695 1.00 21.16 ? 1  DG  A "C2'" 1 
ATOM   8   C "C1'" . DG  A 1 1 ? -1.346  2.447  -11.279 1.00 19.11 ? 1  DG  A "C1'" 1 
ATOM   9   N N9    . DG  A 1 1 ? -0.272  2.534  -10.293 1.00 18.27 ? 1  DG  A N9    1 
ATOM   10  C C8    . DG  A 1 1 ? 0.187   3.638  -9.648  1.00 21.99 ? 1  DG  A C8    1 
ATOM   11  N N7    . DG  A 1 1 ? 1.156   3.445  -8.791  1.00 22.92 ? 1  DG  A N7    1 
ATOM   12  C C5    . DG  A 1 1 ? 1.363   2.077  -8.874  1.00 17.35 ? 1  DG  A C5    1 
ATOM   13  C C6    . DG  A 1 1 ? 2.279   1.283  -8.160  1.00 15.43 ? 1  DG  A C6    1 
ATOM   14  O O6    . DG  A 1 1 ? 3.086   1.606  -7.295  1.00 10.90 ? 1  DG  A O6    1 
ATOM   15  N N1    . DG  A 1 1 ? 2.164   -0.049 -8.551  1.00 18.37 ? 1  DG  A N1    1 
ATOM   16  C C2    . DG  A 1 1 ? 1.280   -0.520 -9.478  1.00 16.23 ? 1  DG  A C2    1 
ATOM   17  N N2    . DG  A 1 1 ? 1.317   -1.816 -9.720  1.00 9.48  ? 1  DG  A N2    1 
ATOM   18  N N3    . DG  A 1 1 ? 0.393   0.218  -10.153 1.00 16.23 ? 1  DG  A N3    1 
ATOM   19  C C4    . DG  A 1 1 ? 0.500   1.504  -9.794  1.00 16.41 ? 1  DG  A C4    1 
ATOM   20  P P     . DC  A 1 2 ? -5.549  1.816  -9.093  1.00 25.42 ? 2  DC  A P     1 
ATOM   21  O OP1   . DC  A 1 2 ? -6.937  1.661  -9.533  1.00 25.56 ? 2  DC  A OP1   1 
ATOM   22  O OP2   . DC  A 1 2 ? -5.211  2.446  -7.789  1.00 26.20 ? 2  DC  A OP2   1 
ATOM   23  O "O5'" . DC  A 1 2 ? -4.957  0.359  -9.043  1.00 20.99 ? 2  DC  A "O5'" 1 
ATOM   24  C "C5'" . DC  A 1 2 ? -5.428  -0.642 -9.944  1.00 16.49 ? 2  DC  A "C5'" 1 
ATOM   25  C "C4'" . DC  A 1 2 ? -4.769  -1.908 -9.558  1.00 16.89 ? 2  DC  A "C4'" 1 
ATOM   26  O "O4'" . DC  A 1 2 ? -3.379  -1.711 -9.685  1.00 17.78 ? 2  DC  A "O4'" 1 
ATOM   27  C "C3'" . DC  A 1 2 ? -4.960  -2.264 -8.090  1.00 17.27 ? 2  DC  A "C3'" 1 
ATOM   28  O "O3'" . DC  A 1 2 ? -6.195  -2.936 -7.891  1.00 22.90 ? 2  DC  A "O3'" 1 
ATOM   29  C "C2'" . DC  A 1 2 ? -3.823  -3.209 -7.960  1.00 15.99 ? 2  DC  A "C2'" 1 
ATOM   30  C "C1'" . DC  A 1 2 ? -2.720  -2.446 -8.629  1.00 14.55 ? 2  DC  A "C1'" 1 
ATOM   31  N N1    . DC  A 1 2 ? -1.902  -1.600 -7.726  1.00 12.04 ? 2  DC  A N1    1 
ATOM   32  C C2    . DC  A 1 2 ? -0.877  -2.183 -7.026  1.00 13.06 ? 2  DC  A C2    1 
ATOM   33  O O2    . DC  A 1 2 ? -0.645  -3.390 -7.122  1.00 10.93 ? 2  DC  A O2    1 
ATOM   34  N N3    . DC  A 1 2 ? -0.122  -1.407 -6.195  1.00 9.42  ? 2  DC  A N3    1 
ATOM   35  C C4    . DC  A 1 2 ? -0.367  -0.085 -6.063  1.00 10.45 ? 2  DC  A C4    1 
ATOM   36  N N4    . DC  A 1 2 ? 0.454   0.674  -5.304  1.00 3.34  ? 2  DC  A N4    1 
ATOM   37  C C5    . DC  A 1 2 ? -1.466  0.528  -6.766  1.00 12.58 ? 2  DC  A C5    1 
ATOM   38  C C6    . DC  A 1 2 ? -2.177  -0.279 -7.574  1.00 11.02 ? 2  DC  A C6    1 
ATOM   39  P P     . DC  A 1 3 ? -6.991  -2.908 -6.497  1.00 25.15 ? 3  DC  A P     1 
ATOM   40  O OP1   . DC  A 1 3 ? -8.256  -3.648 -6.699  1.00 22.24 ? 3  DC  A OP1   1 
ATOM   41  O OP2   . DC  A 1 3 ? -7.018  -1.487 -6.067  1.00 28.89 ? 3  DC  A OP2   1 
ATOM   42  O "O5'" . DC  A 1 3 ? -6.055  -3.719 -5.455  1.00 22.52 ? 3  DC  A "O5'" 1 
ATOM   43  C "C5'" . DC  A 1 3 ? -5.855  -5.153 -5.621  1.00 23.39 ? 3  DC  A "C5'" 1 
ATOM   44  C "C4'" . DC  A 1 3 ? -4.664  -5.743 -4.842  1.00 20.31 ? 3  DC  A "C4'" 1 
ATOM   45  O "O4'" . DC  A 1 3 ? -3.449  -5.076 -5.168  1.00 21.42 ? 3  DC  A "O4'" 1 
ATOM   46  C "C3'" . DC  A 1 3 ? -4.777  -5.536 -3.389  1.00 18.05 ? 3  DC  A "C3'" 1 
ATOM   47  O "O3'" . DC  A 1 3 ? -5.643  -6.485 -2.805  1.00 19.90 ? 3  DC  A "O3'" 1 
ATOM   48  C "C2'" . DC  A 1 3 ? -3.400  -5.780 -2.974  1.00 17.49 ? 3  DC  A "C2'" 1 
ATOM   49  C "C1'" . DC  A 1 3 ? -2.661  -4.965 -3.988  1.00 19.08 ? 3  DC  A "C1'" 1 
ATOM   50  N N1    . DC  A 1 3 ? -2.386  -3.556 -3.590  1.00 16.63 ? 3  DC  A N1    1 
ATOM   51  C C2    . DC  A 1 3 ? -1.309  -3.292 -2.785  1.00 16.90 ? 3  DC  A C2    1 
ATOM   52  O O2    . DC  A 1 3 ? -0.585  -4.174 -2.329  1.00 20.03 ? 3  DC  A O2    1 
ATOM   53  N N3    . DC  A 1 3 ? -1.016  -2.024 -2.459  1.00 15.72 ? 3  DC  A N3    1 
ATOM   54  C C4    . DC  A 1 3 ? -1.781  -1.032 -2.882  1.00 18.99 ? 3  DC  A C4    1 
ATOM   55  N N4    . DC  A 1 3 ? -1.484  0.188  -2.438  1.00 23.18 ? 3  DC  A N4    1 
ATOM   56  C C5    . DC  A 1 3 ? -2.908  -1.266 -3.723  1.00 18.94 ? 3  DC  A C5    1 
ATOM   57  C C6    . DC  A 1 3 ? -3.165  -2.544 -4.044  1.00 17.69 ? 3  DC  A C6    1 
ATOM   58  P P     . DG  A 1 4 ? -6.572  -5.995 -1.561  1.00 21.15 ? 4  DG  A P     1 
ATOM   59  O OP1   . DG  A 1 4 ? -7.531  -7.072 -1.255  1.00 24.66 ? 4  DG  A OP1   1 
ATOM   60  O OP2   . DG  A 1 4 ? -7.060  -4.627 -1.821  1.00 15.49 ? 4  DG  A OP2   1 
ATOM   61  O "O5'" . DG  A 1 4 ? -5.457  -5.940 -0.426  1.00 19.13 ? 4  DG  A "O5'" 1 
ATOM   62  C "C5'" . DG  A 1 4 ? -5.007  -7.179 0.164   1.00 14.51 ? 4  DG  A "C5'" 1 
ATOM   63  C "C4'" . DG  A 1 4 ? -4.026  -6.878 1.247   1.00 11.41 ? 4  DG  A "C4'" 1 
ATOM   64  O "O4'" . DG  A 1 4 ? -3.043  -6.158 0.594   1.00 13.03 ? 4  DG  A "O4'" 1 
ATOM   65  C "C3'" . DG  A 1 4 ? -4.507  -5.877 2.294   1.00 11.98 ? 4  DG  A "C3'" 1 
ATOM   66  O "O3'" . DG  A 1 4 ? -5.176  -6.519 3.361   1.00 14.01 ? 4  DG  A "O3'" 1 
ATOM   67  C "C2'" . DG  A 1 4 ? -3.229  -5.440 2.837   1.00 14.25 ? 4  DG  A "C2'" 1 
ATOM   68  C "C1'" . DG  A 1 4 ? -2.483  -5.285 1.558   1.00 13.22 ? 4  DG  A "C1'" 1 
ATOM   69  N N9    . DG  A 1 4 ? -2.562  -3.911 1.135   1.00 10.77 ? 4  DG  A N9    1 
ATOM   70  C C8    . DG  A 1 4 ? -3.321  -3.330 0.168   1.00 11.30 ? 4  DG  A C8    1 
ATOM   71  N N7    . DG  A 1 4 ? -3.042  -2.057 -0.010  1.00 11.85 ? 4  DG  A N7    1 
ATOM   72  C C5    . DG  A 1 4 ? -2.033  -1.811 0.944   1.00 8.25  ? 4  DG  A C5    1 
ATOM   73  C C6    . DG  A 1 4 ? -1.285  -0.634 1.252   1.00 10.11 ? 4  DG  A C6    1 
ATOM   74  O O6    . DG  A 1 4 ? -1.313  0.485  0.745   1.00 15.45 ? 4  DG  A O6    1 
ATOM   75  N N1    . DG  A 1 4 ? -0.368  -0.850 2.288   1.00 3.27  ? 4  DG  A N1    1 
ATOM   76  C C2    . DG  A 1 4 ? -0.189  -2.025 2.910   1.00 3.16  ? 4  DG  A C2    1 
ATOM   77  N N2    . DG  A 1 4 ? 0.705   -2.065 3.851   1.00 3.14  ? 4  DG  A N2    1 
ATOM   78  N N3    . DG  A 1 4 ? -0.830  -3.147 2.648   1.00 4.09  ? 4  DG  A N3    1 
ATOM   79  C C4    . DG  A 1 4 ? -1.740  -2.948 1.653   1.00 7.59  ? 4  DG  A C4    1 
ATOM   80  P P     . DG  A 1 5 ? -6.192  -5.775 4.315   1.00 16.36 ? 5  DG  A P     1 
ATOM   81  O OP1   . DG  A 1 5 ? -6.737  -6.840 5.186   1.00 14.36 ? 5  DG  A OP1   1 
ATOM   82  O OP2   . DG  A 1 5 ? -7.116  -4.907 3.526   1.00 9.52  ? 5  DG  A OP2   1 
ATOM   83  O "O5'" . DG  A 1 5 ? -5.199  -4.860 5.193   1.00 10.97 ? 5  DG  A "O5'" 1 
ATOM   84  C "C5'" . DG  A 1 5 ? -4.562  -5.464 6.329   1.00 10.01 ? 5  DG  A "C5'" 1 
ATOM   85  C "C4'" . DG  A 1 5 ? -3.654  -4.500 6.997   1.00 7.39  ? 5  DG  A "C4'" 1 
ATOM   86  O "O4'" . DG  A 1 5 ? -2.964  -3.903 5.911   1.00 10.04 ? 5  DG  A "O4'" 1 
ATOM   87  C "C3'" . DG  A 1 5 ? -4.293  -3.293 7.609   1.00 4.74  ? 5  DG  A "C3'" 1 
ATOM   88  O "O3'" . DG  A 1 5 ? -4.802  -3.530 8.908   1.00 6.56  ? 5  DG  A "O3'" 1 
ATOM   89  C "C2'" . DG  A 1 5 ? -3.073  -2.452 7.725   1.00 2.31  ? 5  DG  A "C2'" 1 
ATOM   90  C "C1'" . DG  A 1 5 ? -2.492  -2.678 6.387   1.00 3.07  ? 5  DG  A "C1'" 1 
ATOM   91  N N9    . DG  A 1 5 ? -2.962  -1.681 5.484   1.00 3.47  ? 5  DG  A N9    1 
ATOM   92  C C8    . DG  A 1 5 ? -3.809  -1.727 4.403   1.00 8.13  ? 5  DG  A C8    1 
ATOM   93  N N7    . DG  A 1 5 ? -3.852  -0.599 3.716   1.00 8.41  ? 5  DG  A N7    1 
ATOM   94  C C5    . DG  A 1 5 ? -2.957  0.233  4.431   1.00 7.18  ? 5  DG  A C5    1 
ATOM   95  C C6    . DG  A 1 5 ? -2.510  1.585  4.215   1.00 9.46  ? 5  DG  A C6    1 
ATOM   96  O O6    . DG  A 1 5 ? -2.822  2.418  3.374   1.00 12.70 ? 5  DG  A O6    1 
ATOM   97  N N1    . DG  A 1 5 ? -1.581  1.974  5.166   1.00 5.17  ? 5  DG  A N1    1 
ATOM   98  C C2    . DG  A 1 5 ? -1.164  1.194  6.202   1.00 6.99  ? 5  DG  A C2    1 
ATOM   99  N N2    . DG  A 1 5 ? -0.267  1.653  7.029   1.00 4.75  ? 5  DG  A N2    1 
ATOM   100 N N3    . DG  A 1 5 ? -1.556  -0.019 6.471   1.00 7.94  ? 5  DG  A N3    1 
ATOM   101 C C4    . DG  A 1 5 ? -2.441  -0.431 5.521   1.00 6.28  ? 5  DG  A C4    1 
ATOM   102 P P     . DC  A 1 6 ? -6.261  -2.943 9.376   1.00 14.36 ? 6  DC  A P     1 
ATOM   103 O OP1   . DC  A 1 6 ? -6.845  -3.905 10.357  1.00 9.88  ? 6  DC  A OP1   1 
ATOM   104 O OP2   . DC  A 1 6 ? -7.092  -2.495 8.227   1.00 15.11 ? 6  DC  A OP2   1 
ATOM   105 O "O5'" . DC  A 1 6 ? -5.832  -1.549 10.055  1.00 11.84 ? 6  DC  A "O5'" 1 
ATOM   106 C "C5'" . DC  A 1 6 ? -5.151  -1.334 11.289  1.00 13.98 ? 6  DC  A "C5'" 1 
ATOM   107 C "C4'" . DC  A 1 6 ? -4.456  0.007  11.236  1.00 14.43 ? 6  DC  A "C4'" 1 
ATOM   108 O "O4'" . DC  A 1 6 ? -3.843  0.065  9.949   1.00 15.49 ? 6  DC  A "O4'" 1 
ATOM   109 C "C3'" . DC  A 1 6 ? -5.281  1.232  11.164  1.00 12.15 ? 6  DC  A "C3'" 1 
ATOM   110 O "O3'" . DC  A 1 6 ? -5.728  1.673  12.418  1.00 21.52 ? 6  DC  A "O3'" 1 
ATOM   111 C "C2'" . DC  A 1 6 ? -4.286  2.182  10.711  1.00 11.86 ? 6  DC  A "C2'" 1 
ATOM   112 C "C1'" . DC  A 1 6 ? -3.644  1.427  9.616   1.00 8.41  ? 6  DC  A "C1'" 1 
ATOM   113 N N1    . DC  A 1 6 ? -4.126  1.824  8.320   1.00 6.67  ? 6  DC  A N1    1 
ATOM   114 C C2    . DC  A 1 6 ? -3.718  3.033  7.811   1.00 5.52  ? 6  DC  A C2    1 
ATOM   115 O O2    . DC  A 1 6 ? -2.940  3.807  8.394   1.00 5.85  ? 6  DC  A O2    1 
ATOM   116 N N3    . DC  A 1 6 ? -4.175  3.362  6.596   1.00 5.68  ? 6  DC  A N3    1 
ATOM   117 C C4    . DC  A 1 6 ? -4.966  2.592  5.901   1.00 7.78  ? 6  DC  A C4    1 
ATOM   118 N N4    . DC  A 1 6 ? -5.241  2.960  4.652   1.00 8.35  ? 6  DC  A N4    1 
ATOM   119 C C5    . DC  A 1 6 ? -5.440  1.375  6.419   1.00 7.43  ? 6  DC  A C5    1 
ATOM   120 C C6    . DC  A 1 6 ? -4.967  1.031  7.630   1.00 9.69  ? 6  DC  A C6    1 
ATOM   121 O "O5'" . DG  B 1 1 ? -0.363  11.335 0.999   1.00 30.15 ? 7  DG  B "O5'" 1 
ATOM   122 C "C5'" . DG  B 1 1 ? -0.068  12.465 1.826   1.00 20.13 ? 7  DG  B "C5'" 1 
ATOM   123 C "C4'" . DG  B 1 1 ? -0.204  12.105 3.283   1.00 16.39 ? 7  DG  B "C4'" 1 
ATOM   124 O "O4'" . DG  B 1 1 ? -1.546  11.807 3.668   1.00 18.57 ? 7  DG  B "O4'" 1 
ATOM   125 C "C3'" . DG  B 1 1 ? 0.617   10.892 3.639   1.00 17.52 ? 7  DG  B "C3'" 1 
ATOM   126 O "O3'" . DG  B 1 1 ? 1.982   11.251 3.795   1.00 17.58 ? 7  DG  B "O3'" 1 
ATOM   127 C "C2'" . DG  B 1 1 ? -0.009  10.561 4.970   1.00 19.24 ? 7  DG  B "C2'" 1 
ATOM   128 C "C1'" . DG  B 1 1 ? -1.508  10.767 4.705   1.00 15.86 ? 7  DG  B "C1'" 1 
ATOM   129 N N9    . DG  B 1 1 ? -2.244  9.546  4.289   1.00 9.00  ? 7  DG  B N9    1 
ATOM   130 C C8    . DG  B 1 1 ? -2.992  9.375  3.181   1.00 8.89  ? 7  DG  B C8    1 
ATOM   131 N N7    . DG  B 1 1 ? -3.637  8.253  3.080   1.00 10.96 ? 7  DG  B N7    1 
ATOM   132 C C5    . DG  B 1 1 ? -3.277  7.593  4.234   1.00 9.94  ? 7  DG  B C5    1 
ATOM   133 C C6    . DG  B 1 1 ? -3.647  6.315  4.722   1.00 11.45 ? 7  DG  B C6    1 
ATOM   134 O O6    . DG  B 1 1 ? -4.368  5.452  4.258   1.00 14.48 ? 7  DG  B O6    1 
ATOM   135 N N1    . DG  B 1 1 ? -3.100  6.021  5.924   1.00 12.43 ? 7  DG  B N1    1 
ATOM   136 C C2    . DG  B 1 1 ? -2.297  6.856  6.602   1.00 15.69 ? 7  DG  B C2    1 
ATOM   137 N N2    . DG  B 1 1 ? -1.983  6.473  7.813   1.00 16.27 ? 7  DG  B N2    1 
ATOM   138 N N3    . DG  B 1 1 ? -1.872  8.053  6.175   1.00 17.88 ? 7  DG  B N3    1 
ATOM   139 C C4    . DG  B 1 1 ? -2.416  8.362  4.985   1.00 11.47 ? 7  DG  B C4    1 
ATOM   140 P P     . DC  B 1 2 ? 3.129   10.289 3.248   1.00 16.44 ? 8  DC  B P     1 
ATOM   141 O OP1   . DC  B 1 2 ? 4.389   11.029 3.285   1.00 17.17 ? 8  DC  B OP1   1 
ATOM   142 O OP2   . DC  B 1 2 ? 2.639   9.629  2.007   1.00 17.17 ? 8  DC  B OP2   1 
ATOM   143 O "O5'" . DC  B 1 2 ? 3.171   9.204  4.391   1.00 14.57 ? 8  DC  B "O5'" 1 
ATOM   144 C "C5'" . DC  B 1 2 ? 3.442   9.630  5.727   1.00 10.73 ? 8  DC  B "C5'" 1 
ATOM   145 C "C4'" . DC  B 1 2 ? 3.193   8.492  6.692   1.00 13.19 ? 8  DC  B "C4'" 1 
ATOM   146 O "O4'" . DC  B 1 2 ? 1.821   8.116  6.749   1.00 15.15 ? 8  DC  B "O4'" 1 
ATOM   147 C "C3'" . DC  B 1 2 ? 3.875   7.270  6.212   1.00 11.73 ? 8  DC  B "C3'" 1 
ATOM   148 O "O3'" . DC  B 1 2 ? 5.225   7.305  6.578   1.00 19.05 ? 8  DC  B "O3'" 1 
ATOM   149 C "C2'" . DC  B 1 2 ? 3.131   6.214  6.922   1.00 11.32 ? 8  DC  B "C2'" 1 
ATOM   150 C "C1'" . DC  B 1 2 ? 1.752   6.702  6.732   1.00 11.74 ? 8  DC  B "C1'" 1 
ATOM   151 N N1    . DC  B 1 2 ? 1.063   6.225  5.533   1.00 9.77  ? 8  DC  B N1    1 
ATOM   152 C C2    . DC  B 1 2 ? 0.353   5.097  5.649   1.00 11.78 ? 8  DC  B C2    1 
ATOM   153 O O2    . DC  B 1 2 ? 0.424   4.405  6.663   1.00 13.52 ? 8  DC  B O2    1 
ATOM   154 N N3    . DC  B 1 2 ? -0.449  4.728  4.636   1.00 7.64  ? 8  DC  B N3    1 
ATOM   155 C C4    . DC  B 1 2 ? -0.534  5.445  3.539   1.00 10.15 ? 8  DC  B C4    1 
ATOM   156 N N4    . DC  B 1 2 ? -1.449  5.098  2.623   1.00 14.60 ? 8  DC  B N4    1 
ATOM   157 C C5    . DC  B 1 2 ? 0.279   6.579  3.352   1.00 9.63  ? 8  DC  B C5    1 
ATOM   158 C C6    . DC  B 1 2 ? 1.041   6.931  4.391   1.00 11.22 ? 8  DC  B C6    1 
ATOM   159 P P     . DC  B 1 3 ? 6.314   6.604  5.654   1.00 20.02 ? 9  DC  B P     1 
ATOM   160 O OP1   . DC  B 1 3 ? 7.621   6.722  6.341   1.00 23.95 ? 9  DC  B OP1   1 
ATOM   161 O OP2   . DC  B 1 3 ? 6.184   7.025  4.248   1.00 17.93 ? 9  DC  B OP2   1 
ATOM   162 O "O5'" . DC  B 1 3 ? 5.787   5.087  5.750   1.00 23.24 ? 9  DC  B "O5'" 1 
ATOM   163 C "C5'" . DC  B 1 3 ? 6.171   4.297  6.898   1.00 23.25 ? 9  DC  B "C5'" 1 
ATOM   164 C "C4'" . DC  B 1 3 ? 5.617   2.884  6.825   1.00 20.82 ? 9  DC  B "C4'" 1 
ATOM   165 O "O4'" . DC  B 1 3 ? 4.189   2.912  6.742   1.00 23.95 ? 9  DC  B "O4'" 1 
ATOM   166 C "C3'" . DC  B 1 3 ? 6.049   2.140  5.617   1.00 17.69 ? 9  DC  B "C3'" 1 
ATOM   167 O "O3'" . DC  B 1 3 ? 7.368   1.630  5.756   1.00 23.20 ? 9  DC  B "O3'" 1 
ATOM   168 C "C2'" . DC  B 1 3 ? 5.071   1.036  5.727   1.00 18.53 ? 9  DC  B "C2'" 1 
ATOM   169 C "C1'" . DC  B 1 3 ? 3.797   1.747  6.034   1.00 18.21 ? 9  DC  B "C1'" 1 
ATOM   170 N N1    . DC  B 1 3 ? 3.035   2.030  4.821   1.00 12.68 ? 9  DC  B N1    1 
ATOM   171 C C2    . DC  B 1 3 ? 2.096   1.128  4.429   1.00 11.21 ? 9  DC  B C2    1 
ATOM   172 O O2    . DC  B 1 3 ? 2.024   0.016  4.955   1.00 13.95 ? 9  DC  B O2    1 
ATOM   173 N N3    . DC  B 1 3 ? 1.297   1.420  3.416   1.00 6.13  ? 9  DC  B N3    1 
ATOM   174 C C4    . DC  B 1 3 ? 1.477   2.539  2.718   1.00 11.28 ? 9  DC  B C4    1 
ATOM   175 N N4    . DC  B 1 3 ? 0.700   2.739  1.643   1.00 14.28 ? 9  DC  B N4    1 
ATOM   176 C C5    . DC  B 1 3 ? 2.465   3.480  3.069   1.00 8.60  ? 9  DC  B C5    1 
ATOM   177 C C6    . DC  B 1 3 ? 3.201   3.176  4.145   1.00 12.21 ? 9  DC  B C6    1 
ATOM   178 P P     . DG  B 1 4 ? 8.147   0.966  4.488   1.00 25.09 ? 10 DG  B P     1 
ATOM   179 O OP1   . DG  B 1 4 ? 9.537   0.653  4.892   1.00 26.94 ? 10 DG  B OP1   1 
ATOM   180 O OP2   . DG  B 1 4 ? 7.891   1.801  3.284   1.00 23.79 ? 10 DG  B OP2   1 
ATOM   181 O "O5'" . DG  B 1 4 ? 7.350   -0.390 4.204   1.00 25.79 ? 10 DG  B "O5'" 1 
ATOM   182 C "C5'" . DG  B 1 4 ? 7.551   -1.648 4.846   1.00 20.28 ? 10 DG  B "C5'" 1 
ATOM   183 C "C4'" . DG  B 1 4 ? 6.682   -2.697 4.151   1.00 18.63 ? 10 DG  B "C4'" 1 
ATOM   184 O "O4'" . DG  B 1 4 ? 5.342   -2.272 4.180   1.00 18.18 ? 10 DG  B "O4'" 1 
ATOM   185 C "C3'" . DG  B 1 4 ? 6.884   -2.827 2.648   1.00 17.52 ? 10 DG  B "C3'" 1 
ATOM   186 O "O3'" . DG  B 1 4 ? 8.058   -3.502 2.279   1.00 17.91 ? 10 DG  B "O3'" 1 
ATOM   187 C "C2'" . DG  B 1 4 ? 5.713   -3.649 2.337   1.00 16.83 ? 10 DG  B "C2'" 1 
ATOM   188 C "C1'" . DG  B 1 4 ? 4.680   -2.855 3.067   1.00 16.93 ? 10 DG  B "C1'" 1 
ATOM   189 N N9    . DG  B 1 4 ? 4.131   -1.863 2.159   1.00 14.09 ? 10 DG  B N9    1 
ATOM   190 C C8    . DG  B 1 4 ? 4.413   -0.545 2.015   1.00 15.32 ? 10 DG  B C8    1 
ATOM   191 N N7    . DG  B 1 4 ? 3.731   0.040  1.064   1.00 17.00 ? 10 DG  B N7    1 
ATOM   192 C C5    . DG  B 1 4 ? 2.932   -1.005 0.547   1.00 20.47 ? 10 DG  B C5    1 
ATOM   193 C C6    . DG  B 1 4 ? 1.929   -1.042 -0.512  1.00 24.06 ? 10 DG  B C6    1 
ATOM   194 O O6    . DG  B 1 4 ? 1.449   -0.158 -1.232  1.00 27.62 ? 10 DG  B O6    1 
ATOM   195 N N1    . DG  B 1 4 ? 1.397   -2.313 -0.662  1.00 21.28 ? 10 DG  B N1    1 
ATOM   196 C C2    . DG  B 1 4 ? 1.743   -3.373 0.085   1.00 18.38 ? 10 DG  B C2    1 
ATOM   197 N N2    . DG  B 1 4 ? 1.128   -4.491 -0.163  1.00 19.44 ? 10 DG  B N2    1 
ATOM   198 N N3    . DG  B 1 4 ? 2.630   -3.386 1.055   1.00 20.53 ? 10 DG  B N3    1 
ATOM   199 C C4    . DG  B 1 4 ? 3.181   -2.166 1.229   1.00 17.31 ? 10 DG  B C4    1 
ATOM   200 P P     . DG  B 1 5 ? 8.655   -3.362 0.809   1.00 21.43 ? 11 DG  B P     1 
ATOM   201 O OP1   . DG  B 1 5 ? 10.019  -3.914 0.891   1.00 18.19 ? 11 DG  B OP1   1 
ATOM   202 O OP2   . DG  B 1 5 ? 8.464   -1.995 0.248   1.00 21.70 ? 11 DG  B OP2   1 
ATOM   203 O "O5'" . DG  B 1 5 ? 7.661   -4.327 0.004   1.00 16.80 ? 11 DG  B "O5'" 1 
ATOM   204 C "C5'" . DG  B 1 5 ? 7.724   -5.758 0.051   1.00 16.51 ? 11 DG  B "C5'" 1 
ATOM   205 C "C4'" . DG  B 1 5 ? 6.841   -6.328 -1.013  1.00 13.44 ? 11 DG  B "C4'" 1 
ATOM   206 O "O4'" . DG  B 1 5 ? 5.582   -5.797 -0.717  1.00 14.46 ? 11 DG  B "O4'" 1 
ATOM   207 C "C3'" . DG  B 1 5 ? 7.183   -5.747 -2.373  1.00 12.70 ? 11 DG  B "C3'" 1 
ATOM   208 O "O3'" . DG  B 1 5 ? 8.209   -6.495 -2.987  1.00 15.21 ? 11 DG  B "O3'" 1 
ATOM   209 C "C2'" . DG  B 1 5 ? 5.893   -6.016 -3.016  1.00 14.79 ? 11 DG  B "C2'" 1 
ATOM   210 C "C1'" . DG  B 1 5 ? 4.930   -5.551 -1.960  1.00 11.81 ? 11 DG  B "C1'" 1 
ATOM   211 N N9    . DG  B 1 5 ? 4.625   -4.153 -2.230  1.00 9.91  ? 11 DG  B N9    1 
ATOM   212 C C8    . DG  B 1 5 ? 5.189   -3.008 -1.752  1.00 11.03 ? 11 DG  B C8    1 
ATOM   213 N N7    . DG  B 1 5 ? 4.678   -1.911 -2.293  1.00 10.38 ? 11 DG  B N7    1 
ATOM   214 C C5    . DG  B 1 5 ? 3.676   -2.389 -3.162  1.00 7.87  ? 11 DG  B C5    1 
ATOM   215 C C6    . DG  B 1 5 ? 2.737   -1.710 -4.054  1.00 10.31 ? 11 DG  B C6    1 
ATOM   216 O O6    . DG  B 1 5 ? 2.599   -0.528 -4.329  1.00 6.82  ? 11 DG  B O6    1 
ATOM   217 N N1    . DG  B 1 5 ? 1.908   -2.589 -4.750  1.00 9.50  ? 11 DG  B N1    1 
ATOM   218 C C2    . DG  B 1 5 ? 1.956   -3.934 -4.611  1.00 7.64  ? 11 DG  B C2    1 
ATOM   219 N N2    . DG  B 1 5 ? 1.125   -4.657 -5.326  1.00 4.71  ? 11 DG  B N2    1 
ATOM   220 N N3    . DG  B 1 5 ? 2.792   -4.588 -3.808  1.00 8.15  ? 11 DG  B N3    1 
ATOM   221 C C4    . DG  B 1 5 ? 3.631   -3.757 -3.116  1.00 8.12  ? 11 DG  B C4    1 
ATOM   222 P P     . DC  B 1 6 ? 8.972   -6.116 -4.353  1.00 12.10 ? 12 DC  B P     1 
ATOM   223 O OP1   . DC  B 1 6 ? 9.896   -7.237 -4.544  1.00 19.66 ? 12 DC  B OP1   1 
ATOM   224 O OP2   . DC  B 1 6 ? 9.518   -4.730 -4.332  1.00 10.28 ? 12 DC  B OP2   1 
ATOM   225 O "O5'" . DC  B 1 6 ? 7.817   -6.280 -5.504  1.00 12.45 ? 12 DC  B "O5'" 1 
ATOM   226 C "C5'" . DC  B 1 6 ? 7.612   -7.496 -6.255  1.00 8.40  ? 12 DC  B "C5'" 1 
ATOM   227 C "C4'" . DC  B 1 6 ? 6.619   -7.228 -7.338  1.00 10.65 ? 12 DC  B "C4'" 1 
ATOM   228 O "O4'" . DC  B 1 6 ? 5.582   -6.488 -6.709  1.00 15.14 ? 12 DC  B "O4'" 1 
ATOM   229 C "C3'" . DC  B 1 6 ? 7.029   -6.294 -8.414  1.00 12.50 ? 12 DC  B "C3'" 1 
ATOM   230 O "O3'" . DC  B 1 6 ? 7.829   -6.888 -9.439  1.00 15.36 ? 12 DC  B "O3'" 1 
ATOM   231 C "C2'" . DC  B 1 6 ? 5.691   -5.787 -8.866  1.00 10.23 ? 12 DC  B "C2'" 1 
ATOM   232 C "C1'" . DC  B 1 6 ? 4.985   -5.510 -7.574  1.00 12.69 ? 12 DC  B "C1'" 1 
ATOM   233 N N1    . DC  B 1 6 ? 5.019   -4.120 -7.025  1.00 15.07 ? 12 DC  B N1    1 
ATOM   234 C C2    . DC  B 1 6 ? 4.136   -3.162 -7.488  1.00 11.21 ? 12 DC  B C2    1 
ATOM   235 O O2    . DC  B 1 6 ? 3.204   -3.412 -8.253  1.00 7.19  ? 12 DC  B O2    1 
ATOM   236 N N3    . DC  B 1 6 ? 4.271   -1.908 -7.027  1.00 10.33 ? 12 DC  B N3    1 
ATOM   237 C C4    . DC  B 1 6 ? 5.192   -1.575 -6.134  1.00 15.20 ? 12 DC  B C4    1 
ATOM   238 N N4    . DC  B 1 6 ? 5.312   -0.290 -5.749  1.00 18.10 ? 12 DC  B N4    1 
ATOM   239 C C5    . DC  B 1 6 ? 6.051   -2.554 -5.590  1.00 14.40 ? 12 DC  B C5    1 
ATOM   240 C C6    . DC  B 1 6 ? 5.938   -3.785 -6.089  1.00 12.47 ? 12 DC  B C6    1 
HETATM 241 O O     . HOH C 2 . ? -6.481  -2.436 1.947   1.00 9.92  ? 13 HOH A O     1 
HETATM 242 O O     . HOH C 2 . ? -1.671  -3.232 -12.313 1.00 50.04 ? 14 HOH A O     1 
HETATM 243 O O     . HOH C 2 . ? -9.040  2.002  -7.190  1.00 2.96  ? 17 HOH A O     1 
HETATM 244 O O     . HOH C 2 . ? -8.340  1.855  5.002   1.00 17.06 ? 18 HOH A O     1 
HETATM 245 O O     . HOH C 2 . ? -4.190  2.481  0.828   1.00 33.08 ? 19 HOH A O     1 
HETATM 246 O O     . HOH C 2 . ? -5.526  -0.234 1.867   1.00 15.94 ? 21 HOH A O     1 
HETATM 247 O O     . HOH C 2 . ? 4.217   3.872  -5.646  1.00 47.26 ? 22 HOH A O     1 
HETATM 248 O O     . HOH C 2 . ? -7.453  -0.969 4.360   1.00 29.84 ? 23 HOH A O     1 
HETATM 249 O O     . HOH C 2 . ? -11.051 1.528  -9.678  1.00 29.25 ? 24 HOH A O     1 
HETATM 250 O O     . HOH C 2 . ? -9.410  -0.632 -11.071 1.00 56.70 ? 26 HOH A O     1 
HETATM 251 O O     . HOH C 2 . ? -6.725  -4.936 1.055   1.00 18.65 ? 28 HOH A O     1 
HETATM 252 O O     . HOH C 2 . ? -5.825  -1.449 -1.617  1.00 55.01 ? 32 HOH A O     1 
HETATM 253 O O     . HOH C 2 . ? -8.991  -8.012 -3.007  1.00 35.56 ? 34 HOH A O     1 
HETATM 254 O O     . HOH D 2 . ? 1.489   8.452  9.640   1.00 60.91 ? 15 HOH B O     1 
HETATM 255 O O     . HOH D 2 . ? 10.982  -8.075 -8.394  1.00 8.06  ? 16 HOH B O     1 
HETATM 256 O O     . HOH D 2 . ? -1.545  6.462  10.547  1.00 75.15 ? 20 HOH B O     1 
HETATM 257 O O     . HOH D 2 . ? 6.714   2.070  -5.300  1.00 28.16 ? 25 HOH B O     1 
HETATM 258 O O     . HOH D 2 . ? -0.396  8.088  0.671   1.00 54.15 ? 27 HOH B O     1 
HETATM 259 O O     . HOH D 2 . ? 10.539  -2.219 -5.711  1.00 64.03 ? 29 HOH B O     1 
HETATM 260 O O     . HOH D 2 . ? 4.886   1.373  -2.174  1.00 46.30 ? 30 HOH B O     1 
HETATM 261 O O     . HOH D 2 . ? -4.875  5.598  1.533   1.00 77.64 ? 31 HOH B O     1 
HETATM 262 O O     . HOH D 2 . ? 10.243  -5.602 -9.633  1.00 43.53 ? 33 HOH B O     1 
# 
